data_6X6F
#
_entry.id   6X6F
#
_cell.length_a   44.880
_cell.length_b   160.310
_cell.length_c   45.670
_cell.angle_alpha   90.00
_cell.angle_beta   116.28
_cell.angle_gamma   90.00
#
_symmetry.space_group_name_H-M   'P 1 21 1'
#
loop_
_entity.id
_entity.type
_entity.pdbx_description
1 polymer Pf6r
2 non-polymer 'NITRATE ION'
3 water water
#
_entity_poly.entity_id   1
_entity_poly.type   'polypeptide(L)'
_entity_poly.pdbx_seq_one_letter_code
;MESIQSRARTLIDKAGIDRLVRHGEISHSRWQSVRYKDIRMSTEELEVLQSLFPHYRLWLISGEVMPEAGQVSPDFEEAS
RNLAGQNAGAHHHHHH
;
_entity_poly.pdbx_strand_id   A,B,C,D,F,H
#
# COMPACT_ATOMS: atom_id res chain seq x y z
N GLU A 2 16.50 -34.75 22.49
CA GLU A 2 16.59 -36.09 21.93
C GLU A 2 17.49 -36.13 20.70
N SER A 3 17.35 -35.16 19.80
CA SER A 3 18.26 -35.01 18.67
C SER A 3 18.60 -33.54 18.51
N ILE A 4 19.66 -33.26 17.74
CA ILE A 4 19.93 -31.87 17.38
C ILE A 4 18.71 -31.26 16.71
N GLN A 5 18.11 -32.00 15.79
CA GLN A 5 16.94 -31.49 15.07
C GLN A 5 15.82 -31.11 16.02
N SER A 6 15.52 -31.97 16.99
CA SER A 6 14.41 -31.69 17.89
C SER A 6 14.72 -30.49 18.79
N ARG A 7 15.96 -30.37 19.26
CA ARG A 7 16.34 -29.21 20.05
C ARG A 7 16.24 -27.94 19.21
N ALA A 8 16.67 -28.01 17.95
CA ALA A 8 16.55 -26.87 17.06
C ALA A 8 15.10 -26.46 16.88
N ARG A 9 14.20 -27.44 16.74
CA ARG A 9 12.78 -27.13 16.59
C ARG A 9 12.23 -26.45 17.84
N THR A 10 12.67 -26.89 19.01
CA THR A 10 12.28 -26.21 20.24
C THR A 10 12.71 -24.75 20.21
N LEU A 11 13.91 -24.46 19.68
CA LEU A 11 14.37 -23.07 19.62
C LEU A 11 13.67 -22.28 18.53
N ILE A 12 13.28 -22.91 17.42
CA ILE A 12 12.47 -22.21 16.44
C ILE A 12 11.19 -21.70 17.10
N ASP A 13 10.54 -22.56 17.89
CA ASP A 13 9.32 -22.15 18.56
C ASP A 13 9.59 -21.07 19.60
N LYS A 14 10.71 -21.18 20.31
CA LYS A 14 11.01 -20.23 21.37
C LYS A 14 11.26 -18.84 20.79
N ALA A 15 11.99 -18.77 19.68
CA ALA A 15 12.25 -17.50 19.02
C ALA A 15 11.03 -17.02 18.24
N GLY A 16 10.31 -17.95 17.62
CA GLY A 16 9.32 -17.62 16.61
C GLY A 16 10.00 -17.40 15.27
N ILE A 17 9.35 -17.82 14.18
CA ILE A 17 10.00 -17.76 12.88
C ILE A 17 10.22 -16.32 12.45
N ASP A 18 9.33 -15.39 12.79
CA ASP A 18 9.54 -13.99 12.44
C ASP A 18 10.89 -13.49 12.93
N ARG A 19 11.25 -13.80 14.18
CA ARG A 19 12.53 -13.31 14.70
C ARG A 19 13.70 -13.93 13.95
N LEU A 20 13.58 -15.21 13.55
CA LEU A 20 14.62 -15.86 12.77
C LEU A 20 14.76 -15.22 11.39
N VAL A 21 13.63 -14.91 10.74
CA VAL A 21 13.66 -14.24 9.45
C VAL A 21 14.32 -12.86 9.58
N ARG A 22 14.06 -12.17 10.68
CA ARG A 22 14.68 -10.86 10.88
C ARG A 22 16.16 -10.96 11.23
N HIS A 23 16.63 -12.11 11.72
N HIS A 23 16.60 -12.11 11.77
CA HIS A 23 18.01 -12.23 12.17
CA HIS A 23 17.98 -12.30 12.22
C HIS A 23 18.83 -13.20 11.32
C HIS A 23 18.91 -12.86 11.15
N GLY A 24 18.37 -13.48 10.11
CA GLY A 24 19.13 -14.32 9.21
C GLY A 24 18.58 -14.15 7.79
N GLU A 25 19.21 -14.86 6.87
CA GLU A 25 18.87 -14.78 5.45
C GLU A 25 17.90 -15.85 5.01
N ILE A 26 17.54 -16.77 5.89
CA ILE A 26 16.67 -17.90 5.55
C ILE A 26 15.21 -17.45 5.57
N SER A 27 14.42 -17.97 4.64
CA SER A 27 13.06 -17.52 4.43
C SER A 27 12.08 -18.15 5.41
N HIS A 28 10.91 -17.51 5.57
CA HIS A 28 9.84 -18.12 6.34
C HIS A 28 9.51 -19.52 5.82
N SER A 29 9.41 -19.68 4.50
CA SER A 29 8.98 -20.97 3.96
C SER A 29 9.98 -22.06 4.29
N ARG A 30 11.27 -21.75 4.24
CA ARG A 30 12.28 -22.74 4.59
C ARG A 30 12.22 -23.06 6.08
N TRP A 31 12.08 -22.05 6.94
CA TRP A 31 11.96 -22.31 8.37
C TRP A 31 10.72 -23.14 8.67
N GLN A 32 9.60 -22.79 8.06
CA GLN A 32 8.37 -23.54 8.27
C GLN A 32 8.54 -24.99 7.85
N SER A 33 9.24 -25.22 6.74
CA SER A 33 9.43 -26.57 6.24
C SER A 33 10.27 -27.40 7.19
N VAL A 34 11.41 -26.87 7.65
CA VAL A 34 12.25 -27.67 8.55
C VAL A 34 11.57 -27.83 9.91
N ARG A 35 10.73 -26.87 10.31
CA ARG A 35 10.06 -26.98 11.60
C ARG A 35 8.96 -28.02 11.57
N TYR A 36 8.14 -28.04 10.52
CA TYR A 36 6.92 -28.83 10.56
C TYR A 36 6.88 -30.00 9.59
N LYS A 37 7.76 -30.04 8.60
CA LYS A 37 7.74 -31.14 7.64
C LYS A 37 8.83 -32.15 7.99
N ASP A 38 8.64 -33.39 7.52
CA ASP A 38 9.58 -34.45 7.85
C ASP A 38 10.76 -34.41 6.88
N ILE A 39 11.56 -33.36 7.04
CA ILE A 39 12.74 -33.16 6.22
C ILE A 39 13.92 -32.90 7.14
N ARG A 40 15.12 -33.05 6.58
CA ARG A 40 16.33 -32.81 7.35
C ARG A 40 16.51 -31.32 7.61
N MET A 41 17.13 -31.02 8.73
N MET A 41 17.15 -31.03 8.75
CA MET A 41 17.53 -29.65 9.01
CA MET A 41 17.58 -29.69 9.15
C MET A 41 19.02 -29.51 8.75
C MET A 41 19.04 -29.54 8.74
N SER A 42 19.40 -28.40 8.14
CA SER A 42 20.77 -28.23 7.70
C SER A 42 21.55 -27.37 8.69
N THR A 43 22.86 -27.36 8.50
CA THR A 43 23.72 -26.51 9.32
C THR A 43 23.43 -25.04 9.12
N GLU A 44 22.81 -24.66 7.99
CA GLU A 44 22.50 -23.25 7.74
C GLU A 44 21.48 -22.73 8.72
N GLU A 45 20.47 -23.56 9.05
CA GLU A 45 19.52 -23.21 10.08
C GLU A 45 20.19 -23.14 11.44
N LEU A 46 21.11 -24.07 11.73
CA LEU A 46 21.78 -24.02 13.01
C LEU A 46 22.60 -22.74 13.15
N GLU A 47 23.14 -22.21 12.04
CA GLU A 47 23.91 -20.97 12.09
C GLU A 47 23.10 -19.87 12.75
N VAL A 48 21.84 -19.72 12.31
CA VAL A 48 20.99 -18.66 12.83
C VAL A 48 20.66 -18.90 14.29
N LEU A 49 20.30 -20.14 14.62
CA LEU A 49 19.89 -20.45 15.98
C LEU A 49 21.04 -20.29 16.96
N GLN A 50 22.25 -20.76 16.60
CA GLN A 50 23.35 -20.67 17.55
C GLN A 50 23.80 -19.23 17.76
N SER A 51 23.70 -18.41 16.71
CA SER A 51 24.03 -16.99 16.83
C SER A 51 23.04 -16.25 17.72
N LEU A 52 21.75 -16.61 17.63
CA LEU A 52 20.71 -15.95 18.40
C LEU A 52 20.67 -16.42 19.85
N PHE A 53 21.09 -17.66 20.10
CA PHE A 53 21.03 -18.27 21.42
C PHE A 53 22.41 -18.79 21.82
N PRO A 54 23.40 -17.91 22.00
CA PRO A 54 24.74 -18.41 22.32
C PRO A 54 24.81 -19.19 23.63
N HIS A 55 23.97 -18.89 24.60
CA HIS A 55 23.99 -19.65 25.85
C HIS A 55 23.38 -21.05 25.72
N TYR A 56 22.83 -21.38 24.55
CA TYR A 56 22.30 -22.71 24.27
C TYR A 56 23.18 -23.51 23.32
N ARG A 57 24.42 -23.05 23.08
CA ARG A 57 25.25 -23.68 22.05
C ARG A 57 25.58 -25.12 22.37
N LEU A 58 26.15 -25.38 23.55
CA LEU A 58 26.51 -26.75 23.90
C LEU A 58 25.29 -27.66 23.90
N TRP A 59 24.17 -27.18 24.44
CA TRP A 59 22.97 -28.01 24.47
C TRP A 59 22.44 -28.30 23.09
N LEU A 60 22.42 -27.29 22.22
CA LEU A 60 21.91 -27.50 20.87
C LEU A 60 22.67 -28.62 20.17
N ILE A 61 24.00 -28.58 20.23
CA ILE A 61 24.78 -29.53 19.45
C ILE A 61 24.81 -30.90 20.13
N SER A 62 24.65 -30.98 21.46
CA SER A 62 24.91 -32.21 22.17
C SER A 62 23.88 -32.62 23.21
N GLY A 63 22.98 -31.74 23.61
CA GLY A 63 22.08 -32.03 24.70
C GLY A 63 22.66 -31.83 26.07
N GLU A 64 23.94 -31.50 26.18
CA GLU A 64 24.58 -31.28 27.47
C GLU A 64 24.50 -29.81 27.88
N VAL A 65 24.54 -29.59 29.19
CA VAL A 65 24.63 -28.24 29.73
C VAL A 65 25.88 -28.15 30.59
N MET A 66 26.31 -26.93 30.83
CA MET A 66 27.42 -26.64 31.73
C MET A 66 27.15 -25.26 32.33
N PRO A 67 26.28 -25.18 33.34
CA PRO A 67 25.87 -23.87 33.86
C PRO A 67 27.03 -23.00 34.31
N GLU A 68 28.09 -23.61 34.85
CA GLU A 68 29.24 -22.86 35.33
C GLU A 68 29.92 -22.09 34.20
N ALA A 69 29.78 -22.56 32.97
CA ALA A 69 30.36 -21.91 31.79
C ALA A 69 29.36 -21.06 31.03
N GLY A 70 28.18 -20.82 31.59
CA GLY A 70 27.16 -20.05 30.91
C GLY A 70 26.39 -20.82 29.86
N GLN A 71 26.49 -22.15 29.85
CA GLN A 71 25.86 -22.98 28.84
C GLN A 71 24.69 -23.73 29.46
N VAL A 72 23.47 -23.33 29.10
CA VAL A 72 22.26 -23.89 29.70
C VAL A 72 21.32 -24.35 28.59
N SER A 73 20.04 -24.47 28.91
CA SER A 73 19.04 -24.96 27.96
C SER A 73 17.69 -24.39 28.36
N PRO A 74 16.71 -24.41 27.45
CA PRO A 74 15.35 -24.00 27.87
C PRO A 74 14.85 -24.79 29.07
N ASP A 75 15.02 -26.12 29.07
CA ASP A 75 14.51 -26.93 30.17
C ASP A 75 15.25 -26.65 31.47
N PHE A 76 16.57 -26.44 31.39
CA PHE A 76 17.31 -26.08 32.60
C PHE A 76 16.82 -24.77 33.17
N GLU A 77 16.62 -23.77 32.30
CA GLU A 77 16.15 -22.47 32.79
C GLU A 77 14.74 -22.57 33.38
N GLU A 78 13.87 -23.37 32.75
CA GLU A 78 12.52 -23.57 33.28
C GLU A 78 12.56 -24.28 34.63
N ALA A 79 13.41 -25.30 34.75
CA ALA A 79 13.53 -26.03 36.01
C ALA A 79 14.01 -25.10 37.12
N SER A 80 14.98 -24.24 36.79
CA SER A 80 15.49 -23.27 37.75
CA SER A 80 15.48 -23.29 37.76
C SER A 80 14.37 -22.35 38.21
N ARG A 81 13.57 -21.85 37.29
CA ARG A 81 12.49 -20.94 37.67
C ARG A 81 11.47 -21.65 38.55
N ASN A 82 11.16 -22.91 38.22
CA ASN A 82 10.18 -23.66 38.98
C ASN A 82 10.67 -23.93 40.40
N LEU A 83 11.92 -24.37 40.52
CA LEU A 83 12.49 -24.62 41.85
C LEU A 83 12.58 -23.33 42.66
N ALA A 84 12.85 -22.21 41.99
CA ALA A 84 12.87 -20.92 42.68
C ALA A 84 11.49 -20.56 43.22
N GLY A 85 10.44 -20.86 42.46
CA GLY A 85 9.09 -20.58 42.89
C GLY A 85 8.65 -21.48 44.04
N GLU B 2 34.24 -19.00 7.51
CA GLU B 2 34.17 -20.19 8.34
C GLU B 2 32.75 -20.46 8.81
N SER B 3 32.31 -21.70 8.65
CA SER B 3 30.92 -22.08 8.88
C SER B 3 30.88 -23.37 9.66
N ILE B 4 29.71 -23.72 10.18
CA ILE B 4 29.52 -25.04 10.77
C ILE B 4 29.89 -26.11 9.74
N GLN B 5 29.41 -25.93 8.51
CA GLN B 5 29.68 -26.90 7.45
C GLN B 5 31.18 -27.08 7.25
N SER B 6 31.94 -25.98 7.20
CA SER B 6 33.37 -26.12 6.95
C SER B 6 34.08 -26.78 8.12
N ARG B 7 33.69 -26.43 9.36
CA ARG B 7 34.27 -27.10 10.52
C ARG B 7 33.90 -28.58 10.54
N ALA B 8 32.65 -28.89 10.17
CA ALA B 8 32.26 -30.30 10.07
C ALA B 8 33.11 -31.05 9.05
N ARG B 9 33.39 -30.41 7.90
CA ARG B 9 34.22 -31.08 6.89
C ARG B 9 35.64 -31.29 7.39
N THR B 10 36.15 -30.35 8.18
CA THR B 10 37.45 -30.55 8.82
C THR B 10 37.43 -31.80 9.69
N LEU B 11 36.35 -32.02 10.43
CA LEU B 11 36.28 -33.19 11.31
C LEU B 11 36.02 -34.47 10.52
N ILE B 12 35.31 -34.38 9.39
CA ILE B 12 35.20 -35.54 8.51
C ILE B 12 36.58 -36.02 8.10
N ASP B 13 37.44 -35.08 7.70
CA ASP B 13 38.79 -35.46 7.30
C ASP B 13 39.59 -36.01 8.47
N LYS B 14 39.40 -35.44 9.66
CA LYS B 14 40.16 -35.89 10.82
C LYS B 14 39.80 -37.32 11.19
N ALA B 15 38.50 -37.64 11.19
CA ALA B 15 38.08 -38.99 11.55
C ALA B 15 38.36 -39.97 10.42
N GLY B 16 38.17 -39.53 9.18
CA GLY B 16 38.10 -40.39 8.03
C GLY B 16 36.72 -40.98 7.87
N ILE B 17 36.27 -41.11 6.62
CA ILE B 17 34.89 -41.56 6.41
C ILE B 17 34.72 -42.99 6.87
N ASP B 18 35.74 -43.85 6.71
CA ASP B 18 35.59 -45.22 7.17
C ASP B 18 35.19 -45.26 8.65
N ARG B 19 35.88 -44.46 9.48
CA ARG B 19 35.59 -44.45 10.90
C ARG B 19 34.20 -43.89 11.17
N LEU B 20 33.79 -42.86 10.43
CA LEU B 20 32.46 -42.30 10.64
C LEU B 20 31.37 -43.33 10.34
N VAL B 21 31.56 -44.12 9.28
CA VAL B 21 30.59 -45.15 8.91
C VAL B 21 30.43 -46.17 10.04
N ARG B 22 31.53 -46.52 10.71
CA ARG B 22 31.43 -47.47 11.82
C ARG B 22 30.80 -46.85 13.05
N HIS B 23 30.73 -45.53 13.15
CA HIS B 23 30.25 -44.88 14.35
C HIS B 23 28.85 -44.29 14.22
N GLY B 24 28.18 -44.51 13.09
CA GLY B 24 26.85 -43.99 12.91
C GLY B 24 26.08 -44.80 11.91
N GLU B 25 24.89 -44.31 11.57
CA GLU B 25 24.02 -44.97 10.61
C GLU B 25 24.11 -44.36 9.22
N ILE B 26 24.98 -43.37 9.03
CA ILE B 26 25.10 -42.65 7.77
C ILE B 26 26.07 -43.42 6.88
N SER B 27 25.73 -43.50 5.60
CA SER B 27 26.45 -44.35 4.68
C SER B 27 27.73 -43.67 4.18
N HIS B 28 28.65 -44.50 3.68
CA HIS B 28 29.87 -43.97 3.08
C HIS B 28 29.54 -43.00 1.96
N SER B 29 28.57 -43.36 1.11
CA SER B 29 28.19 -42.48 0.00
CA SER B 29 28.19 -42.49 0.00
C SER B 29 27.65 -41.16 0.49
N ARG B 30 26.84 -41.17 1.55
CA ARG B 30 26.30 -39.91 2.06
C ARG B 30 27.41 -39.03 2.61
N TRP B 31 28.34 -39.62 3.35
CA TRP B 31 29.48 -38.86 3.85
C TRP B 31 30.29 -38.25 2.71
N GLN B 32 30.57 -39.03 1.66
CA GLN B 32 31.31 -38.51 0.51
C GLN B 32 30.56 -37.34 -0.13
N SER B 33 29.23 -37.44 -0.22
CA SER B 33 28.46 -36.38 -0.84
C SER B 33 28.53 -35.08 -0.05
N VAL B 34 28.31 -35.14 1.27
CA VAL B 34 28.34 -33.89 2.04
C VAL B 34 29.75 -33.34 2.10
N ARG B 35 30.76 -34.21 2.02
CA ARG B 35 32.13 -33.73 2.09
C ARG B 35 32.58 -33.09 0.77
N TYR B 36 32.21 -33.67 -0.37
CA TYR B 36 32.81 -33.27 -1.64
C TYR B 36 31.85 -32.67 -2.66
N LYS B 37 30.55 -32.68 -2.41
CA LYS B 37 29.61 -32.02 -3.29
C LYS B 37 29.18 -30.71 -2.67
N ASP B 38 28.72 -29.79 -3.52
CA ASP B 38 28.24 -28.48 -3.09
C ASP B 38 26.76 -28.61 -2.69
N ILE B 39 26.55 -29.39 -1.62
CA ILE B 39 25.21 -29.63 -1.09
C ILE B 39 25.21 -29.32 0.39
N ARG B 40 24.02 -29.17 0.95
CA ARG B 40 23.93 -28.86 2.37
C ARG B 40 24.27 -30.07 3.23
N MET B 41 24.78 -29.78 4.42
N MET B 41 24.78 -29.76 4.42
CA MET B 41 25.02 -30.80 5.42
CA MET B 41 25.06 -30.72 5.48
C MET B 41 23.92 -30.72 6.47
C MET B 41 23.92 -30.70 6.48
N SER B 42 23.47 -31.88 6.93
CA SER B 42 22.33 -31.94 7.83
C SER B 42 22.77 -32.17 9.28
N THR B 43 21.82 -31.98 10.19
CA THR B 43 22.12 -32.24 11.59
C THR B 43 22.39 -33.72 11.84
N GLU B 44 21.96 -34.60 10.92
CA GLU B 44 22.22 -36.03 11.09
C GLU B 44 23.71 -36.33 10.99
N GLU B 45 24.42 -35.65 10.09
CA GLU B 45 25.87 -35.80 10.05
C GLU B 45 26.50 -35.19 11.30
N LEU B 46 25.98 -34.04 11.76
CA LEU B 46 26.56 -33.45 12.96
C LEU B 46 26.42 -34.38 14.16
N GLU B 47 25.35 -35.18 14.21
CA GLU B 47 25.17 -36.10 15.35
C GLU B 47 26.39 -36.99 15.53
N VAL B 48 26.86 -37.58 14.43
CA VAL B 48 28.00 -38.48 14.49
C VAL B 48 29.25 -37.72 14.86
N LEU B 49 29.45 -36.53 14.27
CA LEU B 49 30.68 -35.79 14.55
C LEU B 49 30.74 -35.34 16.00
N GLN B 50 29.64 -34.82 16.54
CA GLN B 50 29.69 -34.31 17.91
C GLN B 50 29.85 -35.43 18.92
N SER B 51 29.28 -36.61 18.62
CA SER B 51 29.42 -37.74 19.53
CA SER B 51 29.43 -37.73 19.54
C SER B 51 30.85 -38.30 19.50
N LEU B 52 31.51 -38.24 18.34
CA LEU B 52 32.87 -38.74 18.21
C LEU B 52 33.91 -37.77 18.75
N PHE B 53 33.62 -36.46 18.70
CA PHE B 53 34.54 -35.40 19.09
C PHE B 53 33.89 -34.52 20.16
N PRO B 54 33.61 -35.08 21.35
CA PRO B 54 32.95 -34.28 22.39
C PRO B 54 33.74 -33.05 22.81
N HIS B 55 35.06 -33.10 22.75
CA HIS B 55 35.84 -31.93 23.13
C HIS B 55 35.72 -30.79 22.13
N TYR B 56 35.11 -31.05 20.96
CA TYR B 56 35.00 -30.07 19.91
C TYR B 56 33.58 -29.57 19.72
N ARG B 57 32.68 -29.84 20.68
CA ARG B 57 31.27 -29.54 20.50
C ARG B 57 31.00 -28.05 20.33
N LEU B 58 31.45 -27.24 21.29
CA LEU B 58 31.22 -25.81 21.20
C LEU B 58 31.84 -25.23 19.93
N TRP B 59 33.04 -25.67 19.58
CA TRP B 59 33.69 -25.16 18.38
C TRP B 59 32.92 -25.57 17.14
N LEU B 60 32.45 -26.81 17.07
CA LEU B 60 31.73 -27.27 15.89
C LEU B 60 30.53 -26.36 15.60
N ILE B 61 29.72 -26.09 16.62
CA ILE B 61 28.48 -25.34 16.42
C ILE B 61 28.72 -23.84 16.29
N SER B 62 29.81 -23.29 16.82
CA SER B 62 29.95 -21.84 16.88
C SER B 62 31.29 -21.28 16.44
N GLY B 63 32.34 -22.10 16.31
CA GLY B 63 33.67 -21.59 16.07
C GLY B 63 34.39 -21.07 17.29
N GLU B 64 33.74 -21.06 18.45
CA GLU B 64 34.34 -20.60 19.69
C GLU B 64 34.89 -21.76 20.49
N VAL B 65 35.87 -21.48 21.34
CA VAL B 65 36.39 -22.47 22.27
C VAL B 65 36.19 -21.96 23.69
N MET B 66 36.22 -22.89 24.64
CA MET B 66 36.21 -22.57 26.07
C MET B 66 37.14 -23.56 26.74
N PRO B 67 38.45 -23.36 26.64
CA PRO B 67 39.38 -24.42 27.08
C PRO B 67 39.25 -24.75 28.56
N GLU B 68 38.96 -23.76 29.41
CA GLU B 68 38.80 -24.03 30.83
C GLU B 68 37.63 -24.96 31.09
N ALA B 69 36.68 -25.04 30.16
CA ALA B 69 35.53 -25.94 30.27
C ALA B 69 35.71 -27.21 29.46
N GLY B 70 36.92 -27.46 28.93
CA GLY B 70 37.20 -28.63 28.15
C GLY B 70 36.76 -28.57 26.72
N GLN B 71 36.42 -27.39 26.22
CA GLN B 71 35.91 -27.24 24.86
C GLN B 71 36.98 -26.56 24.02
N VAL B 72 37.58 -27.34 23.13
CA VAL B 72 38.70 -26.86 22.32
C VAL B 72 38.41 -27.15 20.86
N SER B 73 39.46 -27.22 20.06
CA SER B 73 39.37 -27.40 18.62
C SER B 73 40.65 -28.06 18.15
N PRO B 74 40.66 -28.64 16.94
CA PRO B 74 41.94 -29.17 16.42
C PRO B 74 43.04 -28.13 16.38
N ASP B 75 42.75 -26.92 15.90
CA ASP B 75 43.78 -25.89 15.76
C ASP B 75 44.25 -25.42 17.13
N PHE B 76 43.33 -25.29 18.09
CA PHE B 76 43.72 -24.90 19.44
C PHE B 76 44.65 -25.93 20.05
N GLU B 77 44.34 -27.22 19.87
CA GLU B 77 45.23 -28.25 20.39
C GLU B 77 46.58 -28.22 19.68
N GLU B 78 46.60 -27.97 18.38
CA GLU B 78 47.87 -27.87 17.67
C GLU B 78 48.69 -26.68 18.18
N ALA B 79 48.05 -25.53 18.37
CA ALA B 79 48.75 -24.37 18.92
C ALA B 79 49.28 -24.67 20.32
N SER B 80 48.53 -25.43 21.11
CA SER B 80 48.98 -25.77 22.45
C SER B 80 50.19 -26.69 22.40
N ARG B 81 50.13 -27.72 21.56
CA ARG B 81 51.30 -28.58 21.33
C ARG B 81 52.51 -27.74 20.94
N ASN B 82 52.32 -26.82 20.00
CA ASN B 82 53.44 -26.03 19.49
C ASN B 82 53.99 -25.12 20.57
N LEU B 83 53.12 -24.43 21.31
CA LEU B 83 53.59 -23.56 22.38
C LEU B 83 54.31 -24.37 23.46
N ALA B 84 53.78 -25.55 23.79
CA ALA B 84 54.43 -26.40 24.79
C ALA B 84 55.88 -26.70 24.41
N GLY B 85 56.16 -26.78 23.11
CA GLY B 85 57.53 -26.92 22.65
C GLY B 85 58.24 -25.58 22.60
N GLU C 2 0.60 11.18 13.66
CA GLU C 2 1.87 10.48 13.64
C GLU C 2 1.74 9.18 12.84
N SER C 3 0.60 8.52 12.96
CA SER C 3 0.31 7.29 12.23
C SER C 3 -0.87 7.52 11.29
N ILE C 4 -1.09 6.56 10.38
CA ILE C 4 -2.30 6.62 9.56
C ILE C 4 -3.54 6.69 10.46
N GLN C 5 -3.56 5.86 11.51
CA GLN C 5 -4.70 5.85 12.43
C GLN C 5 -4.95 7.23 13.02
N SER C 6 -3.90 7.91 13.49
CA SER C 6 -4.13 9.21 14.11
C SER C 6 -4.57 10.26 13.09
N ARG C 7 -3.99 10.24 11.88
CA ARG C 7 -4.44 11.17 10.85
C ARG C 7 -5.88 10.88 10.45
N ALA C 8 -6.26 9.61 10.36
CA ALA C 8 -7.65 9.27 10.06
C ALA C 8 -8.60 9.79 11.13
N ARG C 9 -8.21 9.71 12.41
CA ARG C 9 -9.06 10.23 13.48
C ARG C 9 -9.20 11.74 13.37
N THR C 10 -8.14 12.42 12.95
CA THR C 10 -8.24 13.85 12.70
C THR C 10 -9.30 14.13 11.64
N LEU C 11 -9.33 13.34 10.58
CA LEU C 11 -10.32 13.57 9.54
C LEU C 11 -11.71 13.14 10.00
N ILE C 12 -11.82 12.12 10.85
CA ILE C 12 -13.13 11.81 11.40
C ILE C 12 -13.70 13.02 12.13
N ASP C 13 -12.87 13.70 12.93
CA ASP C 13 -13.35 14.87 13.66
C ASP C 13 -13.70 16.01 12.70
N LYS C 14 -12.93 16.15 11.63
CA LYS C 14 -13.16 17.25 10.70
C LYS C 14 -14.50 17.08 10.00
N ALA C 15 -14.81 15.86 9.58
CA ALA C 15 -16.08 15.59 8.92
C ALA C 15 -17.24 15.52 9.91
N GLY C 16 -17.02 14.91 11.07
CA GLY C 16 -18.12 14.50 11.92
C GLY C 16 -18.68 13.17 11.46
N ILE C 17 -19.13 12.34 12.40
CA ILE C 17 -19.54 10.99 12.04
C ILE C 17 -20.81 10.99 11.20
N ASP C 18 -21.76 11.89 11.45
CA ASP C 18 -22.97 11.93 10.62
C ASP C 18 -22.61 12.10 9.14
N ARG C 19 -21.66 12.99 8.83
CA ARG C 19 -21.27 13.22 7.45
C ARG C 19 -20.63 11.97 6.85
N LEU C 20 -19.86 11.26 7.67
CA LEU C 20 -19.27 10.01 7.20
C LEU C 20 -20.33 8.96 6.91
N VAL C 21 -21.32 8.83 7.80
CA VAL C 21 -22.39 7.86 7.60
C VAL C 21 -23.15 8.17 6.33
N ARG C 22 -23.39 9.46 6.06
CA ARG C 22 -24.10 9.85 4.85
C ARG C 22 -23.27 9.66 3.58
N HIS C 23 -21.94 9.51 3.71
CA HIS C 23 -21.09 9.43 2.53
C HIS C 23 -20.36 8.10 2.43
N GLY C 24 -20.82 7.09 3.15
CA GLY C 24 -20.21 5.78 3.00
C GLY C 24 -21.08 4.70 3.61
N GLU C 25 -20.56 3.49 3.59
CA GLU C 25 -21.31 2.33 4.06
C GLU C 25 -20.91 1.90 5.46
N ILE C 26 -20.10 2.68 6.15
CA ILE C 26 -19.68 2.35 7.51
C ILE C 26 -20.65 2.96 8.51
N SER C 27 -20.98 2.20 9.55
CA SER C 27 -22.01 2.59 10.50
C SER C 27 -21.46 3.60 11.51
N HIS C 28 -22.40 4.34 12.12
CA HIS C 28 -22.04 5.24 13.21
C HIS C 28 -21.29 4.49 14.31
N SER C 29 -21.77 3.30 14.68
CA SER C 29 -21.15 2.56 15.76
CA SER C 29 -21.16 2.55 15.76
CA SER C 29 -21.15 2.55 15.76
C SER C 29 -19.71 2.17 15.43
N ARG C 30 -19.47 1.77 14.18
CA ARG C 30 -18.10 1.42 13.78
C ARG C 30 -17.19 2.65 13.78
N TRP C 31 -17.68 3.78 13.28
CA TRP C 31 -16.90 5.01 13.34
C TRP C 31 -16.59 5.38 14.78
N GLN C 32 -17.60 5.33 15.66
CA GLN C 32 -17.34 5.64 17.07
C GLN C 32 -16.27 4.71 17.63
N SER C 33 -16.31 3.44 17.24
CA SER C 33 -15.35 2.47 17.77
C SER C 33 -13.93 2.77 17.32
N VAL C 34 -13.72 2.99 16.02
CA VAL C 34 -12.34 3.25 15.56
C VAL C 34 -11.86 4.60 16.06
N ARG C 35 -12.77 5.54 16.30
CA ARG C 35 -12.35 6.85 16.77
C ARG C 35 -11.99 6.85 18.25
N TYR C 36 -12.78 6.17 19.09
CA TYR C 36 -12.67 6.36 20.53
C TYR C 36 -12.21 5.12 21.29
N LYS C 37 -12.07 3.98 20.63
CA LYS C 37 -11.55 2.79 21.28
C LYS C 37 -10.14 2.50 20.76
N ASP C 38 -9.36 1.78 21.56
CA ASP C 38 -8.01 1.40 21.16
C ASP C 38 -8.08 0.08 20.37
N ILE C 39 -8.68 0.19 19.16
CA ILE C 39 -8.81 -0.92 18.22
C ILE C 39 -8.23 -0.46 16.88
N ARG C 40 -7.95 -1.41 16.02
CA ARG C 40 -7.37 -1.07 14.73
C ARG C 40 -8.37 -0.39 13.81
N MET C 41 -7.84 0.47 12.96
CA MET C 41 -8.64 1.06 11.91
CA MET C 41 -8.56 1.14 11.88
C MET C 41 -8.38 0.31 10.61
N SER C 42 -9.47 0.07 9.87
CA SER C 42 -9.35 -0.74 8.67
C SER C 42 -9.36 0.11 7.40
N THR C 43 -9.00 -0.51 6.27
CA THR C 43 -9.04 0.18 5.00
C THR C 43 -10.47 0.52 4.59
N GLU C 44 -11.47 -0.16 5.15
CA GLU C 44 -12.85 0.20 4.85
C GLU C 44 -13.17 1.60 5.34
N GLU C 45 -12.63 1.98 6.50
CA GLU C 45 -12.81 3.34 6.97
C GLU C 45 -12.03 4.30 6.09
N LEU C 46 -10.82 3.92 5.69
CA LEU C 46 -10.05 4.80 4.81
C LEU C 46 -10.75 5.03 3.48
N GLU C 47 -11.52 4.04 2.98
CA GLU C 47 -12.23 4.23 1.73
C GLU C 47 -13.10 5.48 1.81
N VAL C 48 -13.83 5.60 2.91
CA VAL C 48 -14.76 6.71 3.08
C VAL C 48 -14.00 8.03 3.20
N LEU C 49 -12.92 8.03 4.00
CA LEU C 49 -12.17 9.24 4.24
C LEU C 49 -11.44 9.75 3.00
N GLN C 50 -10.82 8.86 2.22
CA GLN C 50 -10.09 9.32 1.03
C GLN C 50 -11.05 9.79 -0.05
N SER C 51 -12.27 9.25 -0.10
CA SER C 51 -13.26 9.73 -1.05
C SER C 51 -13.78 11.10 -0.64
N LEU C 52 -13.96 11.32 0.67
CA LEU C 52 -14.50 12.58 1.15
C LEU C 52 -13.47 13.69 1.15
N PHE C 53 -12.20 13.37 1.31
CA PHE C 53 -11.12 14.34 1.43
C PHE C 53 -10.05 14.06 0.37
N PRO C 54 -10.38 14.26 -0.90
CA PRO C 54 -9.41 13.91 -1.97
C PRO C 54 -8.09 14.68 -1.89
N HIS C 55 -8.08 15.92 -1.41
CA HIS C 55 -6.84 16.67 -1.28
C HIS C 55 -5.98 16.25 -0.10
N TYR C 56 -6.45 15.35 0.75
CA TYR C 56 -5.70 14.86 1.90
C TYR C 56 -5.23 13.42 1.72
N ARG C 57 -5.25 12.90 0.49
CA ARG C 57 -4.98 11.48 0.28
C ARG C 57 -3.53 11.12 0.61
N LEU C 58 -2.58 11.80 -0.03
CA LEU C 58 -1.18 11.48 0.24
C LEU C 58 -0.87 11.66 1.72
N TRP C 59 -1.39 12.73 2.33
CA TRP C 59 -1.12 12.96 3.74
C TRP C 59 -1.73 11.87 4.60
N LEU C 60 -2.96 11.44 4.28
CA LEU C 60 -3.58 10.39 5.08
C LEU C 60 -2.69 9.16 5.13
N ILE C 61 -2.21 8.72 3.96
CA ILE C 61 -1.50 7.45 3.92
C ILE C 61 -0.05 7.58 4.41
N SER C 62 0.55 8.76 4.33
CA SER C 62 1.98 8.88 4.57
C SER C 62 2.39 10.03 5.48
N GLY C 63 1.52 10.99 5.73
CA GLY C 63 1.93 12.19 6.44
C GLY C 63 2.65 13.22 5.60
N GLU C 64 2.92 12.93 4.33
CA GLU C 64 3.60 13.82 3.40
C GLU C 64 2.60 14.58 2.55
N VAL C 65 3.04 15.70 1.98
CA VAL C 65 2.23 16.48 1.05
C VAL C 65 2.93 16.63 -0.29
N MET C 66 2.14 17.04 -1.28
CA MET C 66 2.63 17.33 -2.62
CA MET C 66 2.63 17.35 -2.63
C MET C 66 1.79 18.49 -3.18
N PRO C 67 2.04 19.71 -2.71
CA PRO C 67 1.09 20.80 -3.01
C PRO C 67 0.84 21.08 -4.48
N GLU C 68 1.84 21.02 -5.35
CA GLU C 68 1.57 21.27 -6.76
C GLU C 68 0.68 20.20 -7.37
N ALA C 69 0.59 19.04 -6.73
CA ALA C 69 -0.30 17.98 -7.17
C ALA C 69 -1.65 18.08 -6.49
N GLY C 70 -1.91 19.14 -5.74
CA GLY C 70 -3.17 19.29 -5.04
C GLY C 70 -3.29 18.47 -3.78
N GLN C 71 -2.18 17.95 -3.28
CA GLN C 71 -2.18 17.06 -2.12
C GLN C 71 -1.61 17.83 -0.95
N VAL C 72 -2.48 18.19 -0.01
CA VAL C 72 -2.09 19.02 1.11
C VAL C 72 -2.56 18.32 2.39
N SER C 73 -2.71 19.09 3.46
CA SER C 73 -3.08 18.54 4.75
C SER C 73 -3.78 19.64 5.53
N PRO C 74 -4.48 19.30 6.60
CA PRO C 74 -5.03 20.36 7.45
C PRO C 74 -3.95 21.37 7.89
N ASP C 75 -2.77 20.89 8.29
CA ASP C 75 -1.72 21.81 8.72
C ASP C 75 -1.15 22.62 7.56
N PHE C 76 -0.92 21.99 6.41
CA PHE C 76 -0.35 22.72 5.28
C PHE C 76 -1.30 23.82 4.84
N GLU C 77 -2.60 23.54 4.82
CA GLU C 77 -3.59 24.53 4.49
C GLU C 77 -3.58 25.63 5.54
N GLU D 2 -9.10 -2.47 -7.24
CA GLU D 2 -10.33 -1.71 -7.17
C GLU D 2 -10.45 -0.99 -5.83
N SER D 3 -10.06 -1.66 -4.76
CA SER D 3 -10.15 -1.12 -3.41
C SER D 3 -8.75 -0.95 -2.84
N ILE D 4 -8.65 -0.24 -1.71
CA ILE D 4 -7.38 -0.17 -1.00
C ILE D 4 -6.89 -1.58 -0.67
N GLN D 5 -7.80 -2.44 -0.19
CA GLN D 5 -7.43 -3.80 0.16
C GLN D 5 -6.82 -4.54 -1.02
N SER D 6 -7.42 -4.44 -2.21
CA SER D 6 -6.89 -5.19 -3.34
C SER D 6 -5.53 -4.63 -3.80
N ARG D 7 -5.37 -3.31 -3.81
CA ARG D 7 -4.09 -2.71 -4.17
C ARG D 7 -3.02 -3.08 -3.15
N ALA D 8 -3.38 -3.11 -1.87
CA ALA D 8 -2.44 -3.54 -0.84
C ALA D 8 -2.00 -4.99 -1.08
N ARG D 9 -2.93 -5.86 -1.48
CA ARG D 9 -2.57 -7.24 -1.74
C ARG D 9 -1.59 -7.35 -2.91
N THR D 10 -1.77 -6.50 -3.94
CA THR D 10 -0.80 -6.45 -5.02
C THR D 10 0.59 -6.12 -4.51
N LEU D 11 0.68 -5.17 -3.57
CA LEU D 11 1.99 -4.80 -3.05
C LEU D 11 2.56 -5.85 -2.13
N ILE D 12 1.71 -6.57 -1.39
CA ILE D 12 2.21 -7.70 -0.62
C ILE D 12 2.90 -8.70 -1.53
N ASP D 13 2.29 -8.99 -2.68
CA ASP D 13 2.91 -9.94 -3.60
C ASP D 13 4.21 -9.39 -4.18
N LYS D 14 4.24 -8.08 -4.46
CA LYS D 14 5.42 -7.48 -5.06
C LYS D 14 6.61 -7.55 -4.11
N ALA D 15 6.39 -7.25 -2.84
CA ALA D 15 7.45 -7.30 -1.84
C ALA D 15 7.80 -8.74 -1.45
N GLY D 16 6.78 -9.59 -1.35
CA GLY D 16 6.94 -10.86 -0.67
C GLY D 16 6.83 -10.65 0.82
N ILE D 17 6.24 -11.61 1.54
CA ILE D 17 5.98 -11.40 2.95
C ILE D 17 7.29 -11.32 3.76
N ASP D 18 8.32 -12.09 3.38
CA ASP D 18 9.58 -12.01 4.10
C ASP D 18 10.10 -10.57 4.15
N ARG D 19 10.06 -9.89 3.00
CA ARG D 19 10.55 -8.52 2.95
C ARG D 19 9.71 -7.62 3.84
N LEU D 20 8.40 -7.87 3.90
CA LEU D 20 7.55 -7.09 4.79
C LEU D 20 7.90 -7.35 6.26
N VAL D 21 8.12 -8.61 6.62
CA VAL D 21 8.47 -8.94 8.00
C VAL D 21 9.78 -8.28 8.39
N ARG D 22 10.75 -8.24 7.47
CA ARG D 22 12.02 -7.59 7.77
C ARG D 22 11.93 -6.08 7.86
N HIS D 23 10.84 -5.48 7.36
CA HIS D 23 10.72 -4.02 7.28
C HIS D 23 9.52 -3.48 8.03
N GLY D 24 8.96 -4.26 8.95
CA GLY D 24 7.87 -3.77 9.77
C GLY D 24 7.68 -4.67 10.96
N GLU D 25 6.67 -4.33 11.76
CA GLU D 25 6.38 -5.06 13.00
C GLU D 25 5.23 -6.03 12.86
N ILE D 26 4.75 -6.27 11.66
CA ILE D 26 3.65 -7.18 11.41
C ILE D 26 4.21 -8.57 11.13
N SER D 27 3.56 -9.60 11.68
CA SER D 27 4.04 -10.97 11.63
C SER D 27 3.74 -11.61 10.28
N HIS D 28 4.50 -12.65 9.94
CA HIS D 28 4.22 -13.41 8.73
C HIS D 28 2.78 -13.91 8.73
N SER D 29 2.35 -14.47 9.86
CA SER D 29 1.00 -15.03 9.97
C SER D 29 -0.07 -13.98 9.69
N ARG D 30 0.09 -12.77 10.24
CA ARG D 30 -0.86 -11.69 9.99
C ARG D 30 -0.87 -11.29 8.51
N TRP D 31 0.32 -11.18 7.89
CA TRP D 31 0.37 -10.87 6.47
C TRP D 31 -0.35 -11.93 5.65
N GLN D 32 -0.09 -13.22 5.94
CA GLN D 32 -0.78 -14.29 5.23
C GLN D 32 -2.28 -14.17 5.40
N SER D 33 -2.73 -13.81 6.61
CA SER D 33 -4.15 -13.71 6.87
C SER D 33 -4.80 -12.59 6.04
N VAL D 34 -4.21 -11.40 6.05
CA VAL D 34 -4.84 -10.31 5.29
C VAL D 34 -4.72 -10.55 3.79
N ARG D 35 -3.69 -11.29 3.37
CA ARG D 35 -3.51 -11.55 1.94
C ARG D 35 -4.46 -12.61 1.41
N TYR D 36 -4.68 -13.70 2.16
CA TYR D 36 -5.34 -14.88 1.62
C TYR D 36 -6.68 -15.19 2.27
N LYS D 37 -7.08 -14.46 3.29
CA LYS D 37 -8.39 -14.64 3.91
C LYS D 37 -9.27 -13.44 3.61
N ASP D 38 -10.58 -13.67 3.65
CA ASP D 38 -11.54 -12.60 3.43
C ASP D 38 -11.82 -11.89 4.76
N ILE D 39 -10.78 -11.18 5.23
CA ILE D 39 -10.84 -10.40 6.47
C ILE D 39 -10.37 -8.99 6.14
N ARG D 40 -10.66 -8.06 7.04
CA ARG D 40 -10.26 -6.67 6.82
C ARG D 40 -8.75 -6.48 6.93
N MET D 41 -8.25 -5.54 6.13
N MET D 41 -8.24 -5.57 6.15
CA MET D 41 -6.90 -5.02 6.16
CA MET D 41 -6.86 -5.15 6.30
C MET D 41 -6.86 -3.82 7.10
C MET D 41 -6.83 -3.85 7.09
N SER D 42 -5.82 -3.70 7.93
CA SER D 42 -5.74 -2.57 8.84
C SER D 42 -4.71 -1.54 8.39
N THR D 43 -4.78 -0.35 8.99
CA THR D 43 -3.79 0.68 8.69
C THR D 43 -2.41 0.26 9.16
N GLU D 44 -2.32 -0.71 10.07
CA GLU D 44 -1.01 -1.17 10.52
C GLU D 44 -0.26 -1.84 9.38
N GLU D 45 -0.98 -2.62 8.57
CA GLU D 45 -0.37 -3.21 7.38
C GLU D 45 -0.01 -2.13 6.37
N LEU D 46 -0.88 -1.11 6.20
CA LEU D 46 -0.57 -0.03 5.28
C LEU D 46 0.65 0.76 5.71
N GLU D 47 0.93 0.86 7.01
CA GLU D 47 2.13 1.54 7.46
C GLU D 47 3.36 0.93 6.81
N VAL D 48 3.43 -0.40 6.80
CA VAL D 48 4.59 -1.08 6.27
C VAL D 48 4.67 -0.91 4.76
N LEU D 49 3.53 -1.06 4.08
CA LEU D 49 3.51 -0.97 2.63
C LEU D 49 3.83 0.43 2.14
N GLN D 50 3.26 1.46 2.76
CA GLN D 50 3.51 2.80 2.26
C GLN D 50 4.95 3.23 2.50
N SER D 51 5.57 2.76 3.59
CA SER D 51 6.97 3.07 3.86
C SER D 51 7.89 2.37 2.86
N LEU D 52 7.54 1.14 2.48
CA LEU D 52 8.39 0.37 1.57
C LEU D 52 8.25 0.82 0.14
N PHE D 53 7.07 1.33 -0.24
CA PHE D 53 6.78 1.72 -1.61
C PHE D 53 6.31 3.18 -1.66
N PRO D 54 7.18 4.13 -1.33
CA PRO D 54 6.75 5.53 -1.32
C PRO D 54 6.23 6.02 -2.66
N HIS D 55 6.73 5.49 -3.77
CA HIS D 55 6.25 5.87 -5.09
C HIS D 55 4.83 5.38 -5.38
N TYR D 56 4.28 4.51 -4.55
CA TYR D 56 2.95 3.97 -4.75
C TYR D 56 1.92 4.50 -3.75
N ARG D 57 2.26 5.55 -3.01
CA ARG D 57 1.43 6.01 -1.90
C ARG D 57 0.07 6.50 -2.38
N LEU D 58 0.04 7.45 -3.32
CA LEU D 58 -1.24 7.99 -3.77
C LEU D 58 -2.10 6.89 -4.39
N TRP D 59 -1.49 5.99 -5.17
CA TRP D 59 -2.24 4.90 -5.80
C TRP D 59 -2.79 3.94 -4.75
N LEU D 60 -1.99 3.59 -3.75
CA LEU D 60 -2.45 2.68 -2.72
C LEU D 60 -3.72 3.19 -2.06
N ILE D 61 -3.73 4.47 -1.66
CA ILE D 61 -4.86 5.00 -0.90
C ILE D 61 -6.06 5.30 -1.79
N SER D 62 -5.86 5.58 -3.08
CA SER D 62 -6.96 6.10 -3.90
C SER D 62 -7.08 5.48 -5.29
N GLY D 63 -6.09 4.76 -5.79
CA GLY D 63 -6.09 4.29 -7.16
C GLY D 63 -5.64 5.29 -8.21
N GLU D 64 -5.33 6.53 -7.83
CA GLU D 64 -4.86 7.56 -8.73
C GLU D 64 -3.34 7.63 -8.74
N VAL D 65 -2.78 8.12 -9.86
CA VAL D 65 -1.35 8.35 -10.00
C VAL D 65 -1.09 9.79 -10.38
N MET D 66 0.11 10.28 -10.03
N MET D 66 0.11 10.29 -10.04
CA MET D 66 0.62 11.58 -10.45
CA MET D 66 0.58 11.59 -10.52
C MET D 66 2.07 11.40 -10.85
C MET D 66 2.05 11.44 -10.87
N PRO D 67 2.33 10.86 -12.04
CA PRO D 67 3.72 10.56 -12.41
C PRO D 67 4.68 11.73 -12.35
N GLU D 68 4.22 12.95 -12.63
CA GLU D 68 5.12 14.09 -12.63
C GLU D 68 5.76 14.30 -11.26
N ALA D 69 5.11 13.83 -10.20
CA ALA D 69 5.65 13.92 -8.85
C ALA D 69 6.28 12.63 -8.37
N GLY D 70 6.41 11.64 -9.24
CA GLY D 70 6.94 10.35 -8.83
C GLY D 70 5.93 9.42 -8.19
N GLN D 71 4.63 9.71 -8.31
CA GLN D 71 3.58 8.90 -7.69
C GLN D 71 2.99 8.07 -8.80
N VAL D 72 3.33 6.80 -8.83
CA VAL D 72 2.96 5.90 -9.92
C VAL D 72 2.32 4.66 -9.33
N SER D 73 2.29 3.58 -10.11
CA SER D 73 1.65 2.35 -9.69
C SER D 73 2.32 1.19 -10.37
N PRO D 74 2.14 -0.03 -9.87
CA PRO D 74 2.65 -1.20 -10.61
C PRO D 74 2.14 -1.25 -12.04
N ASP D 75 0.84 -0.97 -12.25
CA ASP D 75 0.28 -1.01 -13.60
C ASP D 75 0.86 0.09 -14.48
N PHE D 76 1.08 1.29 -13.92
CA PHE D 76 1.68 2.35 -14.72
C PHE D 76 3.07 1.92 -15.18
N GLU D 77 3.85 1.32 -14.30
CA GLU D 77 5.18 0.82 -14.65
C GLU D 77 5.04 -0.34 -15.62
N GLU E 2 -21.37 35.16 -28.07
CA GLU E 2 -19.93 35.33 -28.25
C GLU E 2 -19.15 34.35 -27.38
N SER E 3 -19.32 34.43 -26.07
CA SER E 3 -18.68 33.51 -25.13
C SER E 3 -19.73 32.90 -24.22
N ILE E 4 -19.33 31.85 -23.50
CA ILE E 4 -20.21 31.31 -22.46
C ILE E 4 -20.57 32.42 -21.47
N GLN E 5 -19.57 33.20 -21.07
CA GLN E 5 -19.80 34.29 -20.12
C GLN E 5 -20.84 35.27 -20.64
N SER E 6 -20.73 35.68 -21.91
CA SER E 6 -21.67 36.67 -22.42
C SER E 6 -23.07 36.09 -22.51
N ARG E 7 -23.20 34.84 -22.94
CA ARG E 7 -24.50 34.20 -22.97
C ARG E 7 -25.05 34.04 -21.56
N ALA E 8 -24.19 33.70 -20.60
CA ALA E 8 -24.65 33.60 -19.21
C ALA E 8 -25.18 34.94 -18.73
N ARG E 9 -24.49 36.03 -19.06
CA ARG E 9 -24.93 37.35 -18.64
C ARG E 9 -26.28 37.71 -19.26
N THR E 10 -26.54 37.28 -20.50
CA THR E 10 -27.87 37.49 -21.08
CA THR E 10 -27.87 37.51 -21.06
C THR E 10 -28.94 36.78 -20.25
N LEU E 11 -28.63 35.58 -19.76
CA LEU E 11 -29.59 34.83 -18.98
C LEU E 11 -29.73 35.40 -17.57
N ILE E 12 -28.67 35.96 -17.00
CA ILE E 12 -28.81 36.69 -15.75
C ILE E 12 -29.83 37.82 -15.91
N ASP E 13 -29.73 38.56 -17.02
CA ASP E 13 -30.67 39.65 -17.24
C ASP E 13 -32.09 39.15 -17.45
N LYS E 14 -32.23 38.03 -18.17
CA LYS E 14 -33.56 37.49 -18.44
C LYS E 14 -34.24 37.01 -17.17
N ALA E 15 -33.50 36.32 -16.30
CA ALA E 15 -34.08 35.82 -15.06
C ALA E 15 -34.27 36.96 -14.08
N GLY E 16 -33.33 37.89 -14.05
CA GLY E 16 -33.24 38.85 -12.98
C GLY E 16 -32.51 38.27 -11.80
N ILE E 17 -31.68 39.08 -11.14
CA ILE E 17 -30.86 38.56 -10.07
C ILE E 17 -31.72 38.11 -8.89
N ASP E 18 -32.81 38.82 -8.60
CA ASP E 18 -33.62 38.37 -7.47
C ASP E 18 -34.08 36.92 -7.66
N ARG E 19 -34.52 36.57 -8.86
CA ARG E 19 -34.98 35.22 -9.13
C ARG E 19 -33.84 34.22 -9.02
N LEU E 20 -32.65 34.59 -9.48
CA LEU E 20 -31.51 33.69 -9.37
C LEU E 20 -31.18 33.43 -7.90
N VAL E 21 -31.24 34.46 -7.07
CA VAL E 21 -30.94 34.29 -5.66
C VAL E 21 -31.91 33.28 -5.04
N ARG E 22 -33.18 33.32 -5.44
CA ARG E 22 -34.15 32.36 -4.91
C ARG E 22 -33.96 30.95 -5.43
N HIS E 23 -33.18 30.76 -6.49
CA HIS E 23 -33.04 29.46 -7.13
C HIS E 23 -31.66 28.84 -6.93
N GLY E 24 -30.85 29.40 -6.05
CA GLY E 24 -29.55 28.82 -5.76
C GLY E 24 -28.98 29.43 -4.49
N GLU E 25 -27.76 29.03 -4.17
CA GLU E 25 -27.09 29.49 -2.96
C GLU E 25 -26.09 30.60 -3.25
N ILE E 26 -26.04 31.09 -4.47
CA ILE E 26 -25.17 32.19 -4.82
C ILE E 26 -25.85 33.49 -4.41
N SER E 27 -25.08 34.39 -3.82
CA SER E 27 -25.64 35.60 -3.23
C SER E 27 -25.92 36.66 -4.27
N HIS E 28 -26.77 37.61 -3.88
CA HIS E 28 -27.05 38.76 -4.73
C HIS E 28 -25.77 39.49 -5.12
N SER E 29 -24.88 39.70 -4.15
CA SER E 29 -23.62 40.41 -4.42
C SER E 29 -22.76 39.67 -5.43
N ARG E 30 -22.62 38.35 -5.28
CA ARG E 30 -21.82 37.59 -6.23
C ARG E 30 -22.39 37.67 -7.64
N TRP E 31 -23.71 37.54 -7.78
CA TRP E 31 -24.33 37.68 -9.10
C TRP E 31 -24.07 39.06 -9.68
N GLN E 32 -24.22 40.10 -8.87
CA GLN E 32 -23.93 41.45 -9.34
C GLN E 32 -22.48 41.57 -9.79
N SER E 33 -21.56 40.95 -9.06
CA SER E 33 -20.15 41.03 -9.41
C SER E 33 -19.86 40.35 -10.74
N VAL E 34 -20.35 39.12 -10.94
CA VAL E 34 -20.04 38.44 -12.19
C VAL E 34 -20.76 39.11 -13.36
N ARG E 35 -21.90 39.74 -13.09
CA ARG E 35 -22.64 40.38 -14.17
C ARG E 35 -22.02 41.70 -14.60
N TYR E 36 -21.53 42.50 -13.65
CA TYR E 36 -21.17 43.88 -13.95
C TYR E 36 -19.70 44.20 -13.77
N LYS E 37 -18.90 43.30 -13.21
CA LYS E 37 -17.47 43.50 -13.11
C LYS E 37 -16.75 42.66 -14.15
N ASP E 38 -15.54 43.08 -14.50
CA ASP E 38 -14.71 42.34 -15.47
C ASP E 38 -13.94 41.27 -14.71
N ILE E 39 -14.69 40.29 -14.18
CA ILE E 39 -14.12 39.17 -13.44
C ILE E 39 -14.62 37.89 -14.09
N ARG E 40 -13.95 36.78 -13.79
CA ARG E 40 -14.36 35.52 -14.37
C ARG E 40 -15.65 35.01 -13.71
N MET E 41 -16.41 34.29 -14.52
CA MET E 41 -17.62 33.61 -14.07
CA MET E 41 -17.63 33.60 -14.08
C MET E 41 -17.30 32.13 -13.84
N SER E 42 -17.83 31.58 -12.75
CA SER E 42 -17.50 30.20 -12.43
C SER E 42 -18.60 29.23 -12.88
N THR E 43 -18.26 27.94 -12.85
CA THR E 43 -19.25 26.93 -13.17
C THR E 43 -20.35 26.89 -12.13
N GLU E 44 -20.12 27.40 -10.91
CA GLU E 44 -21.17 27.46 -9.92
C GLU E 44 -22.30 28.38 -10.36
N GLU E 45 -21.96 29.50 -11.01
CA GLU E 45 -23.02 30.34 -11.54
C GLU E 45 -23.75 29.64 -12.68
N LEU E 46 -23.01 28.95 -13.55
CA LEU E 46 -23.67 28.23 -14.64
C LEU E 46 -24.62 27.17 -14.11
N GLU E 47 -24.31 26.56 -12.96
CA GLU E 47 -25.21 25.56 -12.40
C GLU E 47 -26.62 26.12 -12.26
N VAL E 48 -26.73 27.33 -11.70
CA VAL E 48 -28.04 27.91 -11.48
C VAL E 48 -28.71 28.24 -12.79
N LEU E 49 -27.95 28.76 -13.76
CA LEU E 49 -28.54 29.17 -15.02
C LEU E 49 -29.03 27.97 -15.83
N GLN E 50 -28.23 26.91 -15.94
CA GLN E 50 -28.64 25.77 -16.77
C GLN E 50 -29.83 25.04 -16.16
N SER E 51 -29.94 25.06 -14.83
CA SER E 51 -31.06 24.42 -14.17
C SER E 51 -32.34 25.23 -14.33
N LEU E 52 -32.25 26.56 -14.35
CA LEU E 52 -33.42 27.40 -14.53
C LEU E 52 -33.86 27.47 -15.99
N PHE E 53 -32.93 27.31 -16.93
CA PHE E 53 -33.18 27.42 -18.36
C PHE E 53 -32.76 26.15 -19.08
N PRO E 54 -33.42 25.02 -18.82
CA PRO E 54 -33.00 23.76 -19.46
C PRO E 54 -33.10 23.78 -20.98
N HIS E 55 -34.03 24.53 -21.57
CA HIS E 55 -34.13 24.58 -23.02
C HIS E 55 -32.98 25.35 -23.66
N TYR E 56 -32.15 26.01 -22.86
CA TYR E 56 -31.03 26.81 -23.34
C TYR E 56 -29.69 26.18 -23.02
N ARG E 57 -29.68 24.90 -22.64
CA ARG E 57 -28.45 24.26 -22.18
C ARG E 57 -27.39 24.20 -23.25
N LEU E 58 -27.72 23.61 -24.41
CA LEU E 58 -26.73 23.51 -25.47
C LEU E 58 -26.23 24.88 -25.90
N TRP E 59 -27.14 25.84 -26.01
CA TRP E 59 -26.74 27.18 -26.43
C TRP E 59 -25.82 27.83 -25.40
N LEU E 60 -26.16 27.70 -24.11
CA LEU E 60 -25.34 28.31 -23.08
C LEU E 60 -23.89 27.86 -23.19
N ILE E 61 -23.67 26.54 -23.32
CA ILE E 61 -22.31 26.02 -23.29
C ILE E 61 -21.57 26.20 -24.62
N SER E 62 -22.28 26.33 -25.73
CA SER E 62 -21.63 26.27 -27.05
C SER E 62 -22.06 27.35 -28.03
N GLY E 63 -23.17 28.04 -27.80
CA GLY E 63 -23.73 28.96 -28.75
C GLY E 63 -24.54 28.31 -29.85
N GLU E 64 -24.59 26.99 -29.88
CA GLU E 64 -25.35 26.26 -30.90
C GLU E 64 -26.75 25.94 -30.40
N VAL E 65 -27.66 25.76 -31.35
CA VAL E 65 -29.01 25.33 -31.04
C VAL E 65 -29.28 24.03 -31.79
N MET E 66 -30.22 23.27 -31.26
CA MET E 66 -30.69 22.02 -31.86
C MET E 66 -32.19 22.01 -31.68
N PRO E 67 -32.92 22.83 -32.43
CA PRO E 67 -34.34 23.02 -32.13
C PRO E 67 -35.14 21.74 -32.18
N GLU E 68 -34.79 20.81 -33.08
CA GLU E 68 -35.50 19.54 -33.15
C GLU E 68 -35.34 18.73 -31.88
N ALA E 69 -34.29 18.98 -31.10
CA ALA E 69 -34.04 18.29 -29.85
C ALA E 69 -34.52 19.07 -28.63
N GLY E 70 -35.26 20.15 -28.85
CA GLY E 70 -35.73 20.98 -27.76
C GLY E 70 -34.72 21.97 -27.23
N GLN E 71 -33.61 22.18 -27.93
CA GLN E 71 -32.52 23.04 -27.47
C GLN E 71 -32.50 24.30 -28.31
N VAL E 72 -32.91 25.41 -27.70
CA VAL E 72 -33.05 26.69 -28.40
C VAL E 72 -32.30 27.77 -27.64
N SER E 73 -32.67 29.02 -27.88
CA SER E 73 -32.00 30.16 -27.29
C SER E 73 -33.01 31.29 -27.23
N PRO E 74 -32.77 32.30 -26.40
CA PRO E 74 -33.67 33.48 -26.43
C PRO E 74 -33.82 34.07 -27.83
N ASP E 75 -32.71 34.26 -28.56
CA ASP E 75 -32.80 34.87 -29.87
C ASP E 75 -33.55 33.99 -30.87
N PHE E 76 -33.33 32.67 -30.79
CA PHE E 76 -34.05 31.77 -31.69
C PHE E 76 -35.55 31.82 -31.45
N GLU E 77 -35.96 31.85 -30.18
CA GLU E 77 -37.39 31.94 -29.89
C GLU E 77 -37.96 33.27 -30.37
N GLU E 78 -37.21 34.36 -30.20
CA GLU E 78 -37.66 35.66 -30.69
C GLU E 78 -37.82 35.63 -32.21
N ALA E 79 -36.84 35.06 -32.92
CA ALA E 79 -36.95 34.94 -34.37
C ALA E 79 -38.16 34.10 -34.77
N SER E 80 -38.45 33.06 -33.98
CA SER E 80 -39.60 32.21 -34.25
C SER E 80 -40.91 32.95 -34.01
N ARG E 81 -40.98 33.72 -32.92
CA ARG E 81 -42.14 34.56 -32.68
C ARG E 81 -42.38 35.51 -33.85
N ASN E 82 -41.33 36.18 -34.31
CA ASN E 82 -41.47 37.18 -35.36
C ASN E 82 -41.92 36.52 -36.66
N LEU E 83 -41.28 35.42 -37.02
CA LEU E 83 -41.66 34.72 -38.25
C LEU E 83 -43.10 34.22 -38.17
N ALA E 84 -43.51 33.66 -37.03
CA ALA E 84 -44.90 33.20 -36.90
C ALA E 84 -45.86 34.34 -37.19
N GLY E 85 -45.47 35.58 -36.90
CA GLY E 85 -46.21 36.73 -37.35
C GLY E 85 -45.98 36.97 -38.82
N GLU F 2 -21.49 14.71 -10.82
CA GLU F 2 -22.33 15.49 -9.91
C GLU F 2 -22.44 16.94 -10.37
N SER F 3 -21.33 17.61 -10.61
CA SER F 3 -21.35 19.02 -10.94
C SER F 3 -20.72 19.26 -12.30
N ILE F 4 -20.93 20.46 -12.82
CA ILE F 4 -20.22 20.88 -14.03
C ILE F 4 -18.72 20.76 -13.82
N GLN F 5 -18.24 21.25 -12.67
CA GLN F 5 -16.82 21.17 -12.35
C GLN F 5 -16.31 19.74 -12.40
N SER F 6 -17.04 18.82 -11.79
CA SER F 6 -16.54 17.45 -11.76
C SER F 6 -16.56 16.83 -13.15
N ARG F 7 -17.60 17.11 -13.93
CA ARG F 7 -17.62 16.61 -15.31
C ARG F 7 -16.49 17.24 -16.11
N ALA F 8 -16.22 18.53 -15.88
CA ALA F 8 -15.09 19.18 -16.54
C ALA F 8 -13.78 18.51 -16.16
N ARG F 9 -13.60 18.16 -14.88
CA ARG F 9 -12.36 17.51 -14.48
C ARG F 9 -12.21 16.15 -15.14
N THR F 10 -13.31 15.42 -15.31
CA THR F 10 -13.26 14.16 -16.04
C THR F 10 -12.75 14.37 -17.46
N LEU F 11 -13.19 15.44 -18.12
CA LEU F 11 -12.72 15.68 -19.49
C LEU F 11 -11.28 16.17 -19.52
N ILE F 12 -10.83 16.92 -18.51
CA ILE F 12 -9.42 17.26 -18.42
C ILE F 12 -8.58 15.99 -18.42
N ASP F 13 -9.01 15.00 -17.61
CA ASP F 13 -8.28 13.75 -17.53
C ASP F 13 -8.32 13.00 -18.85
N LYS F 14 -9.48 13.03 -19.53
CA LYS F 14 -9.64 12.26 -20.76
C LYS F 14 -8.78 12.82 -21.88
N ALA F 15 -8.72 14.16 -22.01
CA ALA F 15 -7.88 14.78 -23.01
C ALA F 15 -6.41 14.77 -22.58
N GLY F 16 -6.16 14.98 -21.30
CA GLY F 16 -4.84 15.30 -20.83
C GLY F 16 -4.56 16.77 -20.99
N ILE F 17 -3.82 17.36 -20.06
CA ILE F 17 -3.62 18.81 -20.08
C ILE F 17 -2.82 19.25 -21.29
N ASP F 18 -1.86 18.45 -21.76
CA ASP F 18 -1.08 18.82 -22.93
C ASP F 18 -1.99 19.11 -24.13
N ARG F 19 -2.96 18.22 -24.37
CA ARG F 19 -3.90 18.42 -25.46
C ARG F 19 -4.69 19.73 -25.29
N LEU F 20 -5.07 20.06 -24.06
CA LEU F 20 -5.79 21.31 -23.80
C LEU F 20 -4.90 22.52 -24.08
N VAL F 21 -3.64 22.46 -23.64
CA VAL F 21 -2.69 23.54 -23.89
C VAL F 21 -2.49 23.72 -25.39
N ARG F 22 -2.46 22.62 -26.14
CA ARG F 22 -2.29 22.70 -27.59
C ARG F 22 -3.54 23.22 -28.30
N HIS F 23 -4.73 23.16 -27.66
N HIS F 23 -4.71 23.11 -27.65
CA HIS F 23 -5.97 23.54 -28.33
CA HIS F 23 -6.00 23.46 -28.25
C HIS F 23 -6.70 24.70 -27.64
C HIS F 23 -6.42 24.88 -27.91
N GLY F 24 -6.05 25.36 -26.71
CA GLY F 24 -6.55 26.63 -26.22
C GLY F 24 -5.43 27.53 -25.75
N GLU F 25 -5.83 28.67 -25.21
CA GLU F 25 -4.87 29.68 -24.78
C GLU F 25 -4.55 29.60 -23.29
N ILE F 26 -5.17 28.69 -22.56
CA ILE F 26 -4.96 28.54 -21.12
C ILE F 26 -3.71 27.72 -20.86
N SER F 27 -2.96 28.14 -19.84
CA SER F 27 -1.65 27.57 -19.55
C SER F 27 -1.77 26.25 -18.80
N HIS F 28 -0.69 25.47 -18.85
CA HIS F 28 -0.62 24.27 -18.03
C HIS F 28 -0.89 24.57 -16.57
N SER F 29 -0.29 25.63 -16.03
CA SER F 29 -0.40 25.86 -14.58
C SER F 29 -1.84 26.15 -14.18
N ARG F 30 -2.58 26.84 -15.03
CA ARG F 30 -3.99 27.09 -14.73
C ARG F 30 -4.80 25.80 -14.82
N TRP F 31 -4.57 24.99 -15.85
CA TRP F 31 -5.28 23.71 -15.94
C TRP F 31 -4.95 22.83 -14.74
N GLN F 32 -3.68 22.75 -14.36
CA GLN F 32 -3.28 21.97 -13.19
C GLN F 32 -3.99 22.45 -11.94
N SER F 33 -4.11 23.77 -11.80
CA SER F 33 -4.75 24.35 -10.62
C SER F 33 -6.23 24.02 -10.59
N VAL F 34 -6.95 24.22 -11.71
CA VAL F 34 -8.38 23.92 -11.65
C VAL F 34 -8.63 22.42 -11.54
N ARG F 35 -7.73 21.59 -12.08
CA ARG F 35 -7.95 20.15 -11.99
C ARG F 35 -7.66 19.60 -10.60
N TYR F 36 -6.56 20.01 -9.97
CA TYR F 36 -6.08 19.31 -8.79
C TYR F 36 -6.13 20.10 -7.50
N LYS F 37 -6.35 21.40 -7.57
CA LYS F 37 -6.47 22.22 -6.36
C LYS F 37 -7.94 22.54 -6.10
N ASP F 38 -8.22 22.86 -4.84
CA ASP F 38 -9.59 23.13 -4.40
C ASP F 38 -9.96 24.59 -4.72
N ILE F 39 -10.11 24.85 -6.02
CA ILE F 39 -10.48 26.17 -6.50
C ILE F 39 -11.62 26.06 -7.51
N ARG F 40 -12.27 27.19 -7.76
CA ARG F 40 -13.36 27.20 -8.73
C ARG F 40 -12.83 27.11 -10.15
N MET F 41 -13.65 26.55 -11.02
CA MET F 41 -13.37 26.54 -12.45
C MET F 41 -14.20 27.61 -13.14
N SER F 42 -13.66 28.22 -14.18
CA SER F 42 -14.34 29.32 -14.84
C SER F 42 -14.89 28.89 -16.21
N THR F 43 -15.72 29.77 -16.77
CA THR F 43 -16.26 29.49 -18.10
C THR F 43 -15.17 29.46 -19.15
N GLU F 44 -14.01 30.08 -18.89
CA GLU F 44 -12.93 30.07 -19.88
C GLU F 44 -12.39 28.66 -20.09
N GLU F 45 -12.29 27.88 -19.01
CA GLU F 45 -11.89 26.48 -19.15
C GLU F 45 -12.96 25.68 -19.89
N LEU F 46 -14.23 25.93 -19.63
CA LEU F 46 -15.28 25.22 -20.33
C LEU F 46 -15.26 25.50 -21.83
N GLU F 47 -14.83 26.71 -22.23
CA GLU F 47 -14.73 27.04 -23.65
C GLU F 47 -13.85 26.02 -24.37
N VAL F 48 -12.69 25.73 -23.79
CA VAL F 48 -11.75 24.82 -24.43
C VAL F 48 -12.34 23.41 -24.47
N LEU F 49 -12.93 22.98 -23.36
CA LEU F 49 -13.46 21.62 -23.27
C LEU F 49 -14.64 21.41 -24.21
N GLN F 50 -15.57 22.37 -24.27
CA GLN F 50 -16.74 22.16 -25.13
C GLN F 50 -16.36 22.20 -26.59
N SER F 51 -15.36 23.00 -26.98
CA SER F 51 -14.88 23.00 -28.35
C SER F 51 -14.23 21.67 -28.70
N LEU F 52 -13.47 21.10 -27.77
CA LEU F 52 -12.73 19.88 -28.05
C LEU F 52 -13.64 18.66 -28.04
N PHE F 53 -14.72 18.69 -27.25
CA PHE F 53 -15.62 17.55 -27.08
C PHE F 53 -17.05 17.99 -27.42
N PRO F 54 -17.32 18.32 -28.67
CA PRO F 54 -18.67 18.83 -29.01
C PRO F 54 -19.78 17.83 -28.73
N HIS F 55 -19.51 16.53 -28.85
CA HIS F 55 -20.53 15.52 -28.57
C HIS F 55 -20.79 15.37 -27.07
N TYR F 56 -20.04 16.05 -26.22
CA TYR F 56 -20.26 16.01 -24.78
C TYR F 56 -20.85 17.31 -24.23
N ARG F 57 -21.33 18.21 -25.09
CA ARG F 57 -21.75 19.54 -24.63
C ARG F 57 -22.93 19.49 -23.67
N LEU F 58 -24.03 18.84 -24.06
CA LEU F 58 -25.19 18.80 -23.19
C LEU F 58 -24.83 18.15 -21.85
N TRP F 59 -24.06 17.07 -21.89
CA TRP F 59 -23.69 16.41 -20.65
C TRP F 59 -22.81 17.30 -19.77
N LEU F 60 -21.85 17.99 -20.39
CA LEU F 60 -20.95 18.85 -19.63
C LEU F 60 -21.74 19.90 -18.84
N ILE F 61 -22.68 20.57 -19.49
CA ILE F 61 -23.37 21.68 -18.83
C ILE F 61 -24.46 21.18 -17.87
N SER F 62 -25.02 19.99 -18.10
CA SER F 62 -26.22 19.57 -17.39
C SER F 62 -26.21 18.14 -16.86
N GLY F 63 -25.28 17.30 -17.29
CA GLY F 63 -25.32 15.90 -16.93
C GLY F 63 -26.28 15.06 -17.73
N GLU F 64 -27.06 15.66 -18.64
CA GLU F 64 -28.02 14.92 -19.43
C GLU F 64 -27.38 14.47 -20.74
N VAL F 65 -27.91 13.40 -21.30
CA VAL F 65 -27.49 12.96 -22.62
C VAL F 65 -28.72 12.88 -23.51
N MET F 66 -28.46 12.91 -24.82
CA MET F 66 -29.51 12.75 -25.83
C MET F 66 -28.84 12.08 -27.02
N PRO F 67 -28.70 10.75 -26.98
CA PRO F 67 -27.96 10.05 -28.04
C PRO F 67 -28.51 10.28 -29.43
N GLU F 68 -29.84 10.40 -29.56
CA GLU F 68 -30.45 10.59 -30.87
C GLU F 68 -29.98 11.87 -31.54
N ALA F 69 -29.54 12.84 -30.73
CA ALA F 69 -29.02 14.12 -31.19
C ALA F 69 -27.50 14.16 -31.22
N GLY F 70 -26.83 13.03 -31.02
CA GLY F 70 -25.39 13.02 -31.01
C GLY F 70 -24.75 13.51 -29.74
N GLN F 71 -25.52 13.64 -28.66
CA GLN F 71 -25.03 14.18 -27.40
C GLN F 71 -24.94 13.06 -26.38
N VAL F 72 -23.71 12.66 -26.05
CA VAL F 72 -23.45 11.52 -25.16
C VAL F 72 -22.51 11.96 -24.05
N SER F 73 -21.84 11.00 -23.41
CA SER F 73 -20.97 11.28 -22.28
C SER F 73 -19.92 10.19 -22.21
N PRO F 74 -18.83 10.41 -21.48
CA PRO F 74 -17.87 9.31 -21.29
C PRO F 74 -18.52 8.06 -20.70
N ASP F 75 -19.37 8.21 -19.68
CA ASP F 75 -19.98 7.06 -19.03
C ASP F 75 -20.94 6.33 -19.97
N PHE F 76 -21.72 7.08 -20.76
CA PHE F 76 -22.61 6.45 -21.72
C PHE F 76 -21.82 5.64 -22.75
N GLU F 77 -20.73 6.20 -23.26
CA GLU F 77 -19.92 5.49 -24.24
C GLU F 77 -19.29 4.25 -23.64
N GLU F 78 -18.80 4.34 -22.40
CA GLU F 78 -18.26 3.16 -21.73
C GLU F 78 -19.33 2.09 -21.54
N ALA F 79 -20.53 2.51 -21.10
CA ALA F 79 -21.62 1.56 -20.90
C ALA F 79 -21.98 0.86 -22.20
N SER F 80 -22.07 1.63 -23.28
CA SER F 80 -22.35 1.02 -24.59
CA SER F 80 -22.34 1.02 -24.59
C SER F 80 -21.27 0.01 -24.95
N ARG F 81 -20.00 0.36 -24.75
CA ARG F 81 -18.95 -0.58 -25.08
C ARG F 81 -19.05 -1.85 -24.23
N ASN F 82 -19.43 -1.68 -22.95
CA ASN F 82 -19.51 -2.84 -22.07
C ASN F 82 -20.67 -3.74 -22.46
N LEU F 83 -21.84 -3.15 -22.75
CA LEU F 83 -22.97 -3.95 -23.18
C LEU F 83 -22.69 -4.63 -24.51
N ALA F 84 -21.93 -3.98 -25.40
CA ALA F 84 -21.65 -4.57 -26.70
C ALA F 84 -20.82 -5.84 -26.61
N GLY F 85 -20.07 -6.01 -25.52
CA GLY F 85 -19.29 -7.22 -25.33
C GLY F 85 -18.10 -7.32 -26.26
#